data_4Q8V
#
_entry.id   4Q8V
#
_cell.length_a   91.164
_cell.length_b   65.098
_cell.length_c   70.760
_cell.angle_alpha   90.00
_cell.angle_beta   96.31
_cell.angle_gamma   90.00
#
_symmetry.space_group_name_H-M   'C 1 2 1'
#
loop_
_entity.id
_entity.type
_entity.pdbx_description
1 polymer 'Queuine tRNA-ribosyltransferase'
2 non-polymer 'ZINC ION'
3 non-polymer GLYCEROL
4 non-polymer 4-{2-[(6-amino-8-oxo-7,8-dihydro-1H-imidazo[4,5-g]quinazolin-2-yl)amino]ethyl}benzonitrile
5 water water
#
_entity_poly.entity_id   1
_entity_poly.type   'polypeptide(L)'
_entity_poly.pdbx_seq_one_letter_code
;GSMVEATAQETDRPRFSFSIAAREGKARTGTIEMKRGVIRTPAFMPVGTAATVKALKPETVRATGADIILGNTYHLMLRP
GAERIAKLGGLHSFMGWDRPILTDSGGYQVMSLSSLTKQSEEGVTFKSHLDGSRHMLSPERSIEIQHLLGSDIVMAFDEC
TPYPATPSRAASSMERSMRWAKRSRDAFDSRKEQAENAALFGIQQGSVFENLRQQSADALAEIGFDGYAVGGLAVGEGQD
EMFRVLDFSVPMLPDDKPHYLMGVGKPDDIVGAVERGIDMFDCVLPTRSGRNGQAFTWDGPINIRNARFSEDLKPLDSEC
HCAVCQKWSRAYIHHLIRAGEILGAMLMTEHNIAFYQQLMQKIRDSISEGRFSQFAQDFRARYFARNS
;
_entity_poly.pdbx_strand_id   A
#
loop_
_chem_comp.id
_chem_comp.type
_chem_comp.name
_chem_comp.formula
2YX non-polymer 4-{2-[(6-amino-8-oxo-7,8-dihydro-1H-imidazo[4,5-g]quinazolin-2-yl)amino]ethyl}benzonitrile 'C18 H15 N7 O'
GOL non-polymer GLYCEROL 'C3 H8 O3'
ZN non-polymer 'ZINC ION' 'Zn 2'
#
# COMPACT_ATOMS: atom_id res chain seq x y z
N ARG A 13 2.64 23.86 3.33
CA ARG A 13 2.38 22.89 2.27
C ARG A 13 0.91 22.94 1.82
N PRO A 14 0.66 22.61 0.55
CA PRO A 14 -0.70 22.56 0.02
C PRO A 14 -1.43 21.31 0.49
N ARG A 15 -2.74 21.27 0.26
CA ARG A 15 -3.53 20.07 0.49
C ARG A 15 -2.93 18.89 -0.27
N PHE A 16 -2.58 19.11 -1.53
CA PHE A 16 -2.05 18.05 -2.37
C PHE A 16 -1.36 18.61 -3.59
N SER A 17 -0.11 18.21 -3.79
CA SER A 17 0.63 18.55 -5.01
CA SER A 17 0.62 18.54 -5.02
C SER A 17 1.62 17.44 -5.37
N PHE A 18 1.47 16.88 -6.55
CA PHE A 18 2.37 15.85 -7.03
C PHE A 18 3.25 16.43 -8.10
N SER A 19 4.56 16.34 -7.91
CA SER A 19 5.50 16.84 -8.90
CA SER A 19 5.52 16.86 -8.89
CA SER A 19 5.53 16.86 -8.87
C SER A 19 6.48 15.76 -9.31
N ILE A 20 6.69 15.65 -10.62
CA ILE A 20 7.61 14.66 -11.17
C ILE A 20 8.95 15.32 -11.45
N ALA A 21 10.00 14.82 -10.79
CA ALA A 21 11.34 15.43 -10.91
C ALA A 21 12.20 14.79 -11.98
N ALA A 22 11.96 13.51 -12.25
CA ALA A 22 12.77 12.78 -13.22
C ALA A 22 12.03 11.56 -13.74
N ARG A 23 12.36 11.16 -14.97
CA ARG A 23 11.71 10.03 -15.61
CA ARG A 23 11.70 10.03 -15.62
C ARG A 23 12.72 9.15 -16.31
N GLU A 24 12.39 7.88 -16.46
CA GLU A 24 13.17 6.96 -17.28
C GLU A 24 12.21 5.91 -17.82
N GLY A 25 11.94 5.94 -19.12
CA GLY A 25 10.90 5.10 -19.69
C GLY A 25 9.57 5.47 -19.05
N LYS A 26 8.85 4.46 -18.56
CA LYS A 26 7.59 4.69 -17.85
C LYS A 26 7.78 5.03 -16.38
N ALA A 27 9.00 4.86 -15.86
CA ALA A 27 9.25 5.10 -14.44
C ALA A 27 9.37 6.60 -14.14
N ARG A 28 8.90 7.01 -12.97
CA ARG A 28 8.96 8.40 -12.53
C ARG A 28 9.45 8.47 -11.09
N THR A 29 10.11 9.55 -10.73
CA THR A 29 10.40 9.81 -9.33
C THR A 29 10.04 11.27 -9.05
N GLY A 30 9.53 11.54 -7.85
CA GLY A 30 9.13 12.89 -7.50
C GLY A 30 8.61 12.95 -6.09
N THR A 31 7.68 13.87 -5.84
CA THR A 31 7.17 14.07 -4.49
C THR A 31 5.70 14.39 -4.48
N ILE A 32 5.01 13.93 -3.44
CA ILE A 32 3.67 14.41 -3.13
C ILE A 32 3.79 15.28 -1.89
N GLU A 33 3.39 16.55 -1.99
CA GLU A 33 3.32 17.42 -0.83
C GLU A 33 1.91 17.45 -0.28
N MET A 34 1.78 17.22 1.03
CA MET A 34 0.49 17.30 1.72
C MET A 34 0.68 18.10 3.00
N LYS A 35 -0.42 18.47 3.65
CA LYS A 35 -0.30 19.28 4.86
C LYS A 35 0.56 18.64 5.95
N ARG A 36 0.44 17.32 6.11
CA ARG A 36 1.17 16.64 7.17
CA ARG A 36 1.17 16.64 7.17
C ARG A 36 2.58 16.17 6.79
N GLY A 37 2.97 16.38 5.55
CA GLY A 37 4.32 16.04 5.14
C GLY A 37 4.54 15.75 3.66
N VAL A 38 5.79 15.51 3.30
CA VAL A 38 6.18 15.20 1.93
C VAL A 38 6.36 13.69 1.77
N ILE A 39 5.85 13.16 0.67
CA ILE A 39 6.01 11.76 0.33
C ILE A 39 6.89 11.61 -0.90
N ARG A 40 8.02 10.94 -0.74
CA ARG A 40 8.94 10.70 -1.84
C ARG A 40 8.45 9.50 -2.67
N THR A 41 8.41 9.66 -3.99
CA THR A 41 7.90 8.58 -4.85
C THR A 41 8.97 8.12 -5.85
N PRO A 42 8.98 6.82 -6.20
CA PRO A 42 8.07 5.78 -5.73
C PRO A 42 8.17 5.52 -4.22
N ALA A 43 7.00 5.30 -3.61
CA ALA A 43 6.85 5.18 -2.16
C ALA A 43 6.38 3.80 -1.76
N PHE A 44 6.93 3.27 -0.67
CA PHE A 44 6.33 2.11 -0.02
C PHE A 44 5.69 2.50 1.31
N MET A 45 4.43 2.10 1.48
CA MET A 45 3.66 2.37 2.70
C MET A 45 3.60 1.14 3.60
N PRO A 46 4.28 1.19 4.77
CA PRO A 46 4.07 0.11 5.74
C PRO A 46 2.59 0.05 6.15
N VAL A 47 2.10 -1.14 6.44
CA VAL A 47 0.69 -1.32 6.76
C VAL A 47 0.46 -1.33 8.26
N GLY A 48 -0.49 -0.52 8.71
CA GLY A 48 -0.84 -0.41 10.13
C GLY A 48 -2.33 -0.60 10.35
N THR A 49 -2.80 -1.77 9.93
CA THR A 49 -4.21 -2.15 9.92
C THR A 49 -5.04 -1.73 11.15
N ALA A 50 -4.60 -2.12 12.34
CA ALA A 50 -5.33 -1.82 13.56
C ALA A 50 -4.72 -0.66 14.35
N ALA A 51 -4.37 0.42 13.64
CA ALA A 51 -3.77 1.60 14.26
C ALA A 51 -2.41 1.32 14.89
N THR A 52 -1.69 0.36 14.32
CA THR A 52 -0.29 0.12 14.68
C THR A 52 0.37 -0.64 13.54
N VAL A 53 1.60 -0.25 13.19
CA VAL A 53 2.41 -1.07 12.31
C VAL A 53 2.97 -2.15 13.23
N LYS A 54 2.57 -3.40 13.01
CA LYS A 54 2.76 -4.43 14.03
C LYS A 54 4.21 -4.55 14.51
N ALA A 55 4.38 -4.45 15.84
CA ALA A 55 5.67 -4.61 16.53
C ALA A 55 6.63 -3.43 16.42
N LEU A 56 6.16 -2.29 15.91
CA LEU A 56 7.01 -1.09 15.79
C LEU A 56 6.37 0.14 16.41
N LYS A 57 7.13 0.89 17.21
CA LYS A 57 6.72 2.25 17.54
C LYS A 57 6.70 3.11 16.27
N PRO A 58 5.83 4.12 16.23
CA PRO A 58 5.82 4.99 15.05
C PRO A 58 7.17 5.69 14.80
N GLU A 59 7.92 6.02 15.86
CA GLU A 59 9.24 6.62 15.68
C GLU A 59 10.17 5.66 14.94
N THR A 60 10.01 4.36 15.18
CA THR A 60 10.82 3.36 14.50
C THR A 60 10.40 3.24 13.03
N VAL A 61 9.10 3.25 12.77
CA VAL A 61 8.63 3.27 11.39
C VAL A 61 9.25 4.45 10.64
N ARG A 62 9.24 5.63 11.26
CA ARG A 62 9.81 6.81 10.62
C ARG A 62 11.32 6.66 10.42
N ALA A 63 12.00 6.09 11.43
CA ALA A 63 13.45 5.95 11.35
C ALA A 63 13.88 5.06 10.17
N THR A 64 13.01 4.14 9.76
CA THR A 64 13.33 3.28 8.63
C THR A 64 13.24 4.02 7.30
N GLY A 65 12.61 5.19 7.30
CA GLY A 65 12.48 6.00 6.10
C GLY A 65 11.07 6.17 5.57
N ALA A 66 10.07 5.58 6.22
CA ALA A 66 8.70 5.67 5.75
C ALA A 66 8.19 7.12 5.83
N ASP A 67 7.54 7.57 4.76
CA ASP A 67 6.94 8.91 4.70
C ASP A 67 5.44 8.90 4.98
N ILE A 68 4.82 7.72 4.88
CA ILE A 68 3.37 7.57 4.94
C ILE A 68 3.11 6.11 5.29
N ILE A 69 2.03 5.86 6.04
CA ILE A 69 1.61 4.51 6.36
C ILE A 69 0.15 4.30 5.93
N LEU A 70 -0.26 3.04 5.87
CA LEU A 70 -1.63 2.70 5.49
C LEU A 70 -2.44 2.22 6.69
N GLY A 71 -3.68 2.67 6.79
CA GLY A 71 -4.63 2.12 7.75
C GLY A 71 -5.83 1.56 7.01
N ASN A 72 -6.69 0.84 7.72
CA ASN A 72 -7.82 0.14 7.10
C ASN A 72 -9.18 0.54 7.68
N THR A 73 -10.07 1.04 6.83
CA THR A 73 -11.44 1.36 7.21
C THR A 73 -12.15 0.17 7.86
N TYR A 74 -12.01 -1.00 7.24
CA TYR A 74 -12.69 -2.20 7.73
C TYR A 74 -12.30 -2.56 9.17
N HIS A 75 -11.00 -2.73 9.41
CA HIS A 75 -10.59 -3.15 10.74
C HIS A 75 -10.90 -2.10 11.80
N LEU A 76 -10.65 -0.82 11.48
CA LEU A 76 -10.81 0.23 12.46
C LEU A 76 -12.28 0.54 12.78
N MET A 77 -13.17 0.32 11.82
CA MET A 77 -14.59 0.56 12.11
C MET A 77 -15.11 -0.51 13.08
N LEU A 78 -14.47 -1.67 13.08
CA LEU A 78 -14.85 -2.75 13.99
C LEU A 78 -14.22 -2.59 15.36
N ARG A 79 -12.95 -2.23 15.39
CA ARG A 79 -12.21 -2.09 16.63
C ARG A 79 -11.05 -1.12 16.39
N PRO A 80 -11.01 -0.01 17.13
CA PRO A 80 -11.83 0.37 18.28
C PRO A 80 -13.13 1.10 17.92
N GLY A 81 -13.36 1.34 16.63
CA GLY A 81 -14.52 2.10 16.18
C GLY A 81 -14.14 3.47 15.65
N ALA A 82 -14.78 3.90 14.56
CA ALA A 82 -14.41 5.15 13.90
C ALA A 82 -14.85 6.36 14.71
N GLU A 83 -16.07 6.33 15.21
CA GLU A 83 -16.59 7.41 16.04
C GLU A 83 -15.74 7.57 17.31
N ARG A 84 -15.33 6.45 17.90
CA ARG A 84 -14.46 6.48 19.07
C ARG A 84 -13.13 7.16 18.75
N ILE A 85 -12.50 6.76 17.65
CA ILE A 85 -11.24 7.39 17.27
C ILE A 85 -11.41 8.89 17.06
N ALA A 86 -12.50 9.29 16.41
CA ALA A 86 -12.74 10.73 16.23
C ALA A 86 -12.88 11.45 17.58
N LYS A 87 -13.61 10.84 18.50
CA LYS A 87 -13.81 11.42 19.84
C LYS A 87 -12.47 11.60 20.57
N LEU A 88 -11.53 10.71 20.28
CA LEU A 88 -10.21 10.76 20.91
C LEU A 88 -9.21 11.65 20.18
N GLY A 89 -9.63 12.27 19.08
CA GLY A 89 -8.79 13.26 18.41
C GLY A 89 -8.28 12.84 17.05
N GLY A 90 -8.73 11.68 16.58
CA GLY A 90 -8.32 11.21 15.26
C GLY A 90 -7.20 10.19 15.31
N LEU A 91 -7.00 9.49 14.20
CA LEU A 91 -6.06 8.37 14.13
C LEU A 91 -4.62 8.80 14.38
N HIS A 92 -4.25 9.98 13.88
CA HIS A 92 -2.86 10.45 14.01
C HIS A 92 -2.47 10.59 15.48
N SER A 93 -3.27 11.33 16.23
CA SER A 93 -3.06 11.52 17.67
CA SER A 93 -2.96 11.50 17.65
C SER A 93 -3.17 10.20 18.45
N PHE A 94 -4.17 9.40 18.08
CA PHE A 94 -4.43 8.13 18.74
C PHE A 94 -3.19 7.21 18.73
N MET A 95 -2.61 6.98 17.56
CA MET A 95 -1.48 6.07 17.43
C MET A 95 -0.11 6.75 17.50
N GLY A 96 -0.08 8.08 17.45
CA GLY A 96 1.19 8.77 17.56
C GLY A 96 2.02 8.84 16.28
N TRP A 97 1.34 8.88 15.14
CA TRP A 97 1.99 9.07 13.84
C TRP A 97 1.45 10.38 13.27
N ASP A 98 2.32 11.38 13.12
CA ASP A 98 1.87 12.72 12.73
C ASP A 98 2.01 13.06 11.25
N ARG A 99 2.47 12.08 10.47
CA ARG A 99 2.68 12.24 9.04
C ARG A 99 1.47 11.73 8.24
N PRO A 100 1.52 11.80 6.90
CA PRO A 100 0.35 11.32 6.16
C PRO A 100 -0.02 9.86 6.41
N ILE A 101 -1.33 9.60 6.38
CA ILE A 101 -1.91 8.25 6.44
C ILE A 101 -2.86 8.07 5.27
N LEU A 102 -2.69 6.98 4.53
CA LEU A 102 -3.65 6.60 3.50
C LEU A 102 -4.53 5.51 4.10
N THR A 103 -5.85 5.61 3.92
CA THR A 103 -6.72 4.53 4.38
C THR A 103 -7.41 3.81 3.21
N ASP A 104 -7.33 2.49 3.19
CA ASP A 104 -8.15 1.74 2.24
C ASP A 104 -9.61 1.89 2.65
N SER A 105 -10.51 1.67 1.70
CA SER A 105 -11.92 2.06 1.85
C SER A 105 -12.82 0.97 2.42
N GLY A 106 -12.30 -0.24 2.56
CA GLY A 106 -13.08 -1.34 3.10
C GLY A 106 -13.58 -2.30 2.04
N GLY A 107 -13.60 -1.85 0.79
CA GLY A 107 -14.18 -2.62 -0.30
C GLY A 107 -13.56 -3.99 -0.54
N TYR A 108 -12.29 -4.12 -0.19
CA TYR A 108 -11.55 -5.34 -0.40
C TYR A 108 -11.57 -6.22 0.86
N GLN A 109 -11.33 -5.60 2.01
CA GLN A 109 -11.20 -6.35 3.27
C GLN A 109 -12.51 -6.97 3.72
N VAL A 110 -13.63 -6.29 3.46
CA VAL A 110 -14.93 -6.85 3.84
C VAL A 110 -15.16 -8.19 3.16
N MET A 111 -14.84 -8.27 1.87
CA MET A 111 -15.07 -9.51 1.13
C MET A 111 -13.99 -10.54 1.43
N SER A 112 -12.83 -10.07 1.87
CA SER A 112 -11.74 -10.97 2.24
C SER A 112 -11.97 -11.65 3.60
N LEU A 113 -12.49 -10.88 4.57
CA LEU A 113 -12.44 -11.29 5.97
C LEU A 113 -13.79 -11.59 6.64
N SER A 114 -14.88 -11.02 6.13
CA SER A 114 -16.18 -11.18 6.77
C SER A 114 -16.75 -12.58 6.56
N SER A 115 -17.48 -13.07 7.56
CA SER A 115 -18.05 -14.42 7.54
C SER A 115 -19.26 -14.49 6.62
N LEU A 116 -20.10 -13.48 6.70
CA LEU A 116 -21.30 -13.40 5.86
C LEU A 116 -21.41 -11.99 5.30
N THR A 117 -21.74 -11.90 4.02
CA THR A 117 -21.88 -10.60 3.37
C THR A 117 -23.15 -10.57 2.53
N LYS A 118 -23.77 -9.40 2.45
CA LYS A 118 -24.85 -9.17 1.50
C LYS A 118 -24.47 -7.97 0.66
N GLN A 119 -24.26 -8.22 -0.64
CA GLN A 119 -23.85 -7.17 -1.57
C GLN A 119 -25.04 -6.64 -2.34
N SER A 120 -25.07 -5.33 -2.56
CA SER A 120 -26.11 -4.72 -3.37
C SER A 120 -25.58 -3.42 -3.97
N GLU A 121 -26.41 -2.76 -4.78
CA GLU A 121 -26.03 -1.49 -5.36
C GLU A 121 -25.77 -0.43 -4.28
N GLU A 122 -26.39 -0.58 -3.12
CA GLU A 122 -26.23 0.38 -2.04
C GLU A 122 -24.85 0.26 -1.39
N GLY A 123 -24.34 -0.96 -1.26
CA GLY A 123 -23.10 -1.22 -0.56
C GLY A 123 -23.05 -2.66 -0.09
N VAL A 124 -22.39 -2.89 1.05
CA VAL A 124 -22.25 -4.24 1.58
C VAL A 124 -22.62 -4.27 3.06
N THR A 125 -23.49 -5.21 3.45
CA THR A 125 -23.72 -5.47 4.86
C THR A 125 -22.99 -6.76 5.22
N PHE A 126 -22.47 -6.83 6.43
CA PHE A 126 -21.62 -7.95 6.78
C PHE A 126 -21.57 -8.24 8.27
N LYS A 127 -21.14 -9.46 8.59
CA LYS A 127 -20.91 -9.86 9.98
C LYS A 127 -19.43 -9.73 10.33
N SER A 128 -19.16 -9.17 11.52
CA SER A 128 -17.80 -8.97 11.99
C SER A 128 -17.09 -10.29 12.25
N HIS A 129 -15.82 -10.36 11.86
CA HIS A 129 -15.02 -11.56 12.07
C HIS A 129 -14.51 -11.63 13.51
N SER A 133 -21.52 -9.48 15.12
CA SER A 133 -22.00 -8.10 15.04
C SER A 133 -22.22 -7.70 13.58
N ARG A 134 -23.38 -7.13 13.29
CA ARG A 134 -23.71 -6.73 11.92
C ARG A 134 -23.28 -5.30 11.62
N HIS A 135 -22.67 -5.10 10.45
CA HIS A 135 -22.20 -3.78 10.05
C HIS A 135 -22.51 -3.46 8.58
N MET A 136 -22.30 -2.20 8.21
CA MET A 136 -22.62 -1.74 6.86
C MET A 136 -21.52 -0.86 6.29
N LEU A 137 -21.22 -1.05 5.00
CA LEU A 137 -20.37 -0.13 4.27
C LEU A 137 -21.04 0.26 2.97
N SER A 138 -20.76 1.49 2.53
CA SER A 138 -21.31 2.03 1.30
C SER A 138 -20.32 3.12 0.94
N PRO A 139 -20.42 3.67 -0.27
CA PRO A 139 -19.53 4.80 -0.59
C PRO A 139 -19.64 5.91 0.46
N GLU A 140 -20.86 6.26 0.86
CA GLU A 140 -21.06 7.36 1.80
C GLU A 140 -20.50 7.05 3.18
N ARG A 141 -20.76 5.85 3.68
CA ARG A 141 -20.28 5.47 5.02
C ARG A 141 -18.77 5.28 5.04
N SER A 142 -18.21 4.73 3.97
CA SER A 142 -16.76 4.56 3.86
C SER A 142 -16.04 5.91 3.91
N ILE A 143 -16.52 6.87 3.12
CA ILE A 143 -15.92 8.19 3.10
C ILE A 143 -16.08 8.87 4.47
N GLU A 144 -17.24 8.67 5.10
CA GLU A 144 -17.47 9.21 6.46
C GLU A 144 -16.51 8.62 7.48
N ILE A 145 -16.34 7.30 7.45
CA ILE A 145 -15.38 6.66 8.37
C ILE A 145 -13.97 7.21 8.16
N GLN A 146 -13.54 7.33 6.91
CA GLN A 146 -12.22 7.85 6.63
C GLN A 146 -12.07 9.31 7.12
N HIS A 147 -13.16 10.08 7.05
CA HIS A 147 -13.18 11.40 7.64
C HIS A 147 -13.01 11.37 9.17
N LEU A 148 -13.78 10.51 9.83
CA LEU A 148 -13.70 10.36 11.28
C LEU A 148 -12.30 9.97 11.71
N LEU A 149 -11.64 9.11 10.92
CA LEU A 149 -10.27 8.71 11.20
C LEU A 149 -9.28 9.86 10.98
N GLY A 150 -9.64 10.79 10.10
CA GLY A 150 -8.77 11.89 9.77
C GLY A 150 -7.68 11.51 8.76
N SER A 151 -8.02 10.56 7.90
CA SER A 151 -7.12 10.11 6.84
CA SER A 151 -7.15 10.10 6.80
C SER A 151 -6.69 11.26 5.93
N ASP A 152 -5.42 11.23 5.51
CA ASP A 152 -4.92 12.24 4.56
C ASP A 152 -5.19 11.85 3.10
N ILE A 153 -5.02 10.57 2.77
CA ILE A 153 -5.42 10.08 1.46
C ILE A 153 -6.56 9.10 1.62
N VAL A 154 -7.71 9.48 1.09
CA VAL A 154 -8.94 8.72 1.21
C VAL A 154 -9.11 7.91 -0.07
N MET A 155 -9.40 6.61 0.05
CA MET A 155 -9.66 5.77 -1.12
C MET A 155 -11.15 5.69 -1.41
N ALA A 156 -11.51 5.75 -2.69
CA ALA A 156 -12.88 5.51 -3.09
C ALA A 156 -13.35 4.12 -2.64
N PHE A 157 -14.64 3.98 -2.35
CA PHE A 157 -15.22 2.68 -2.01
C PHE A 157 -15.49 1.92 -3.30
N ASP A 158 -14.87 0.76 -3.44
CA ASP A 158 -14.92 -0.02 -4.67
C ASP A 158 -15.23 -1.49 -4.39
N GLU A 159 -15.25 -2.27 -5.46
CA GLU A 159 -15.40 -3.72 -5.38
C GLU A 159 -14.19 -4.34 -6.07
N CYS A 160 -13.40 -5.11 -5.32
CA CYS A 160 -12.25 -5.82 -5.90
C CYS A 160 -12.76 -7.11 -6.51
N THR A 161 -12.85 -7.15 -7.84
CA THR A 161 -13.41 -8.30 -8.52
C THR A 161 -12.57 -9.54 -8.26
N PRO A 162 -13.23 -10.66 -7.91
CA PRO A 162 -12.46 -11.90 -7.68
C PRO A 162 -11.73 -12.36 -8.95
N TYR A 163 -10.66 -13.11 -8.78
CA TYR A 163 -9.91 -13.66 -9.90
C TYR A 163 -9.91 -15.18 -9.80
N PRO A 164 -10.18 -15.87 -10.93
CA PRO A 164 -10.49 -15.29 -12.24
C PRO A 164 -11.93 -14.81 -12.35
N ALA A 165 -12.17 -13.94 -13.32
CA ALA A 165 -13.52 -13.47 -13.61
C ALA A 165 -13.83 -13.57 -15.10
N THR A 166 -15.06 -13.95 -15.43
CA THR A 166 -15.49 -13.89 -16.82
C THR A 166 -15.60 -12.43 -17.24
N PRO A 167 -15.46 -12.16 -18.55
CA PRO A 167 -15.58 -10.78 -19.03
C PRO A 167 -16.92 -10.15 -18.62
N SER A 168 -18.02 -10.90 -18.66
CA SER A 168 -19.33 -10.36 -18.27
CA SER A 168 -19.31 -10.33 -18.29
C SER A 168 -19.36 -9.94 -16.82
N ARG A 169 -18.86 -10.81 -15.93
CA ARG A 169 -18.88 -10.51 -14.50
C ARG A 169 -17.90 -9.39 -14.16
N ALA A 170 -16.75 -9.40 -14.82
CA ALA A 170 -15.77 -8.33 -14.62
C ALA A 170 -16.35 -6.98 -15.03
N ALA A 171 -17.10 -6.97 -16.14
CA ALA A 171 -17.70 -5.73 -16.62
C ALA A 171 -18.77 -5.21 -15.66
N SER A 172 -19.68 -6.09 -15.24
CA SER A 172 -20.72 -5.71 -14.29
C SER A 172 -20.14 -5.18 -12.97
N SER A 173 -19.10 -5.85 -12.49
CA SER A 173 -18.42 -5.45 -11.26
C SER A 173 -17.78 -4.07 -11.43
N MET A 174 -17.02 -3.92 -12.52
CA MET A 174 -16.34 -2.66 -12.79
C MET A 174 -17.33 -1.51 -12.91
N GLU A 175 -18.46 -1.75 -13.58
CA GLU A 175 -19.47 -0.71 -13.75
C GLU A 175 -20.03 -0.24 -12.42
N ARG A 176 -20.29 -1.19 -11.52
CA ARG A 176 -20.74 -0.85 -10.18
C ARG A 176 -19.66 -0.02 -9.45
N SER A 177 -18.40 -0.45 -9.55
CA SER A 177 -17.33 0.31 -8.91
C SER A 177 -17.27 1.74 -9.45
N MET A 178 -17.53 1.93 -10.73
CA MET A 178 -17.46 3.30 -11.28
C MET A 178 -18.62 4.18 -10.78
N ARG A 179 -19.80 3.59 -10.62
CA ARG A 179 -20.90 4.29 -9.97
C ARG A 179 -20.56 4.65 -8.53
N TRP A 180 -19.93 3.70 -7.83
CA TRP A 180 -19.50 3.93 -6.46
C TRP A 180 -18.39 4.99 -6.36
N ALA A 181 -17.58 5.09 -7.41
CA ALA A 181 -16.51 6.09 -7.45
C ALA A 181 -17.09 7.49 -7.52
N LYS A 182 -18.14 7.66 -8.33
CA LYS A 182 -18.84 8.93 -8.37
C LYS A 182 -19.48 9.27 -7.02
N ARG A 183 -20.13 8.29 -6.41
CA ARG A 183 -20.72 8.50 -5.08
C ARG A 183 -19.65 8.87 -4.05
N SER A 184 -18.48 8.24 -4.15
CA SER A 184 -17.37 8.54 -3.23
C SER A 184 -16.90 9.99 -3.40
N ARG A 185 -16.74 10.40 -4.66
CA ARG A 185 -16.34 11.76 -5.00
C ARG A 185 -17.30 12.77 -4.40
N ASP A 186 -18.60 12.52 -4.58
CA ASP A 186 -19.62 13.46 -4.11
C ASP A 186 -19.69 13.53 -2.57
N ALA A 187 -19.56 12.39 -1.91
CA ALA A 187 -19.54 12.33 -0.46
C ALA A 187 -18.35 13.09 0.11
N PHE A 188 -17.18 12.88 -0.47
CA PHE A 188 -15.94 13.56 -0.09
C PHE A 188 -16.10 15.08 -0.26
N ASP A 189 -16.60 15.50 -1.41
CA ASP A 189 -16.72 16.93 -1.70
C ASP A 189 -17.76 17.65 -0.82
N SER A 190 -18.76 16.91 -0.35
CA SER A 190 -19.84 17.46 0.46
CA SER A 190 -19.82 17.51 0.44
C SER A 190 -19.38 17.80 1.87
N ARG A 191 -18.22 17.29 2.25
CA ARG A 191 -17.68 17.50 3.58
C ARG A 191 -16.51 18.47 3.51
N LYS A 192 -16.79 19.74 3.78
CA LYS A 192 -15.84 20.83 3.58
C LYS A 192 -14.46 20.61 4.20
N GLU A 193 -14.41 20.22 5.46
CA GLU A 193 -13.13 20.03 6.15
C GLU A 193 -12.32 18.92 5.48
N GLN A 194 -13.00 17.88 5.05
CA GLN A 194 -12.33 16.77 4.39
C GLN A 194 -11.82 17.20 3.00
N ALA A 195 -12.69 17.83 2.22
CA ALA A 195 -12.30 18.28 0.88
C ALA A 195 -11.15 19.28 0.90
N GLU A 196 -11.05 20.07 1.97
CA GLU A 196 -10.00 21.08 2.05
C GLU A 196 -8.67 20.55 2.58
N ASN A 197 -8.70 19.42 3.27
CA ASN A 197 -7.50 18.97 3.99
C ASN A 197 -6.96 17.61 3.57
N ALA A 198 -7.78 16.83 2.88
CA ALA A 198 -7.39 15.48 2.46
C ALA A 198 -7.42 15.38 0.94
N ALA A 199 -6.93 14.25 0.43
CA ALA A 199 -6.97 13.94 -0.99
C ALA A 199 -7.82 12.70 -1.21
N LEU A 200 -8.35 12.55 -2.43
CA LEU A 200 -9.21 11.42 -2.78
C LEU A 200 -8.64 10.70 -3.99
N PHE A 201 -8.41 9.38 -3.87
CA PHE A 201 -7.94 8.58 -5.00
C PHE A 201 -9.06 7.67 -5.52
N GLY A 202 -9.17 7.55 -6.84
CA GLY A 202 -10.09 6.59 -7.44
C GLY A 202 -9.40 5.27 -7.68
N ILE A 203 -10.16 4.19 -7.85
CA ILE A 203 -9.58 2.87 -8.04
C ILE A 203 -10.05 2.22 -9.34
N GLN A 204 -9.12 1.96 -10.25
CA GLN A 204 -9.42 1.31 -11.52
C GLN A 204 -9.70 -0.17 -11.30
N GLN A 205 -10.76 -0.67 -11.93
CA GLN A 205 -11.06 -2.10 -11.94
C GLN A 205 -11.12 -2.61 -13.38
N GLY A 206 -11.72 -3.77 -13.61
CA GLY A 206 -11.75 -4.37 -14.94
C GLY A 206 -11.00 -5.69 -15.10
N SER A 207 -10.56 -6.27 -13.98
CA SER A 207 -9.92 -7.58 -14.00
C SER A 207 -8.69 -7.57 -14.91
N VAL A 208 -8.54 -8.56 -15.78
CA VAL A 208 -7.37 -8.64 -16.65
C VAL A 208 -7.66 -8.19 -18.10
N PHE A 209 -8.78 -7.51 -18.29
CA PHE A 209 -9.29 -7.20 -19.63
C PHE A 209 -9.03 -5.76 -20.05
N GLU A 210 -8.31 -5.60 -21.15
CA GLU A 210 -7.86 -4.29 -21.60
C GLU A 210 -9.02 -3.32 -21.85
N ASN A 211 -10.07 -3.77 -22.53
CA ASN A 211 -11.20 -2.89 -22.81
C ASN A 211 -11.90 -2.39 -21.54
N LEU A 212 -12.03 -3.26 -20.53
CA LEU A 212 -12.66 -2.88 -19.28
C LEU A 212 -11.77 -1.94 -18.47
N ARG A 213 -10.46 -2.22 -18.48
CA ARG A 213 -9.51 -1.33 -17.83
C ARG A 213 -9.57 0.08 -18.46
N GLN A 214 -9.76 0.14 -19.78
CA GLN A 214 -9.84 1.43 -20.47
C GLN A 214 -11.12 2.16 -20.10
N GLN A 215 -12.23 1.43 -20.07
CA GLN A 215 -13.50 2.03 -19.67
C GLN A 215 -13.43 2.56 -18.24
N SER A 216 -12.80 1.79 -17.36
CA SER A 216 -12.66 2.20 -15.97
C SER A 216 -11.77 3.45 -15.85
N ALA A 217 -10.64 3.45 -16.54
CA ALA A 217 -9.77 4.63 -16.53
C ALA A 217 -10.51 5.87 -17.03
N ASP A 218 -11.26 5.72 -18.12
CA ASP A 218 -12.00 6.83 -18.69
C ASP A 218 -13.03 7.37 -17.69
N ALA A 219 -13.73 6.47 -17.01
CA ALA A 219 -14.75 6.87 -16.06
C ALA A 219 -14.15 7.63 -14.88
N LEU A 220 -13.01 7.14 -14.38
CA LEU A 220 -12.35 7.79 -13.25
C LEU A 220 -11.81 9.15 -13.63
N ALA A 221 -11.23 9.26 -14.82
CA ALA A 221 -10.69 10.54 -15.27
C ALA A 221 -11.79 11.58 -15.50
N GLU A 222 -12.95 11.12 -15.95
CA GLU A 222 -14.09 12.01 -16.14
C GLU A 222 -14.57 12.59 -14.80
N ILE A 223 -14.60 11.74 -13.78
CA ILE A 223 -14.96 12.20 -12.45
C ILE A 223 -13.88 13.12 -11.89
N GLY A 224 -12.63 12.69 -12.00
CA GLY A 224 -11.48 13.47 -11.55
C GLY A 224 -11.11 13.15 -10.12
N PHE A 225 -9.87 12.70 -9.94
CA PHE A 225 -9.32 12.35 -8.62
C PHE A 225 -7.92 12.94 -8.45
N ASP A 226 -7.41 12.94 -7.21
CA ASP A 226 -6.07 13.43 -6.92
C ASP A 226 -5.01 12.39 -7.27
N GLY A 227 -5.42 11.14 -7.32
CA GLY A 227 -4.53 10.04 -7.67
C GLY A 227 -5.36 8.85 -8.12
N TYR A 228 -4.71 7.87 -8.74
CA TYR A 228 -5.42 6.74 -9.33
C TYR A 228 -4.75 5.44 -8.93
N ALA A 229 -5.51 4.55 -8.32
CA ALA A 229 -5.00 3.25 -7.96
C ALA A 229 -5.34 2.22 -9.01
N VAL A 230 -4.44 1.26 -9.20
CA VAL A 230 -4.76 0.06 -9.96
C VAL A 230 -5.25 -0.98 -8.96
N GLY A 231 -6.57 -1.19 -8.96
CA GLY A 231 -7.19 -2.18 -8.10
C GLY A 231 -7.32 -3.51 -8.80
N GLY A 232 -7.80 -4.52 -8.09
CA GLY A 232 -8.15 -5.78 -8.70
C GLY A 232 -6.99 -6.68 -9.07
N LEU A 233 -5.78 -6.34 -8.61
CA LEU A 233 -4.61 -7.17 -8.85
C LEU A 233 -4.05 -7.67 -7.52
N ALA A 234 -2.99 -8.47 -7.59
CA ALA A 234 -2.50 -9.19 -6.41
C ALA A 234 -3.64 -9.96 -5.75
N VAL A 235 -4.39 -10.69 -6.57
CA VAL A 235 -5.51 -11.48 -6.12
C VAL A 235 -5.39 -12.93 -6.59
N GLY A 236 -4.16 -13.34 -6.88
CA GLY A 236 -3.88 -14.71 -7.25
C GLY A 236 -3.46 -14.94 -8.70
N GLU A 237 -3.31 -13.85 -9.45
CA GLU A 237 -3.03 -13.96 -10.88
C GLU A 237 -1.57 -14.28 -11.20
N GLY A 238 -0.66 -14.00 -10.26
CA GLY A 238 0.76 -14.26 -10.51
C GLY A 238 1.45 -13.11 -11.21
N GLN A 239 2.77 -13.05 -11.10
CA GLN A 239 3.52 -11.88 -11.56
C GLN A 239 3.45 -11.63 -13.07
N ASP A 240 3.59 -12.69 -13.86
CA ASP A 240 3.57 -12.54 -15.32
C ASP A 240 2.26 -11.88 -15.76
N GLU A 241 1.14 -12.36 -15.22
CA GLU A 241 -0.14 -11.82 -15.58
C GLU A 241 -0.34 -10.40 -15.03
N MET A 242 0.08 -10.18 -13.79
CA MET A 242 -0.01 -8.85 -13.21
C MET A 242 0.74 -7.84 -14.07
N PHE A 243 1.97 -8.20 -14.46
CA PHE A 243 2.79 -7.32 -15.30
C PHE A 243 2.15 -7.08 -16.65
N ARG A 244 1.55 -8.12 -17.23
CA ARG A 244 0.87 -7.97 -18.51
C ARG A 244 -0.27 -6.96 -18.41
N VAL A 245 -1.04 -7.03 -17.33
CA VAL A 245 -2.16 -6.10 -17.14
C VAL A 245 -1.62 -4.67 -16.89
N LEU A 246 -0.58 -4.55 -16.06
CA LEU A 246 0.03 -3.23 -15.84
C LEU A 246 0.54 -2.59 -17.15
N ASP A 247 1.08 -3.43 -18.05
CA ASP A 247 1.64 -2.94 -19.31
C ASP A 247 0.65 -2.04 -20.05
N PHE A 248 -0.60 -2.47 -20.14
CA PHE A 248 -1.62 -1.64 -20.80
C PHE A 248 -2.43 -0.74 -19.86
N SER A 249 -2.51 -1.12 -18.59
CA SER A 249 -3.41 -0.40 -17.68
C SER A 249 -2.85 0.93 -17.18
N VAL A 250 -1.57 0.97 -16.81
CA VAL A 250 -1.02 2.20 -16.25
C VAL A 250 -1.02 3.39 -17.22
N PRO A 251 -0.68 3.16 -18.51
CA PRO A 251 -0.71 4.29 -19.45
C PRO A 251 -2.11 4.89 -19.66
N MET A 252 -3.16 4.18 -19.26
CA MET A 252 -4.52 4.68 -19.37
C MET A 252 -4.83 5.76 -18.33
N LEU A 253 -4.05 5.79 -17.25
CA LEU A 253 -4.32 6.72 -16.16
C LEU A 253 -3.69 8.07 -16.47
N PRO A 254 -4.23 9.16 -15.90
CA PRO A 254 -3.59 10.46 -16.11
C PRO A 254 -2.13 10.45 -15.70
N ASP A 255 -1.27 10.95 -16.57
CA ASP A 255 0.16 10.92 -16.36
C ASP A 255 0.60 11.81 -15.20
N ASP A 256 -0.12 12.92 -14.99
CA ASP A 256 0.29 13.94 -14.01
C ASP A 256 -0.18 13.68 -12.58
N LYS A 257 -0.73 12.50 -12.31
CA LYS A 257 -1.18 12.17 -10.96
C LYS A 257 -0.54 10.87 -10.51
N PRO A 258 -0.43 10.65 -9.19
CA PRO A 258 0.19 9.40 -8.74
C PRO A 258 -0.57 8.14 -9.14
N HIS A 259 0.17 7.05 -9.35
CA HIS A 259 -0.38 5.75 -9.70
C HIS A 259 -0.05 4.78 -8.57
N TYR A 260 -1.09 4.21 -7.96
CA TYR A 260 -0.93 3.42 -6.74
C TYR A 260 -1.34 1.97 -6.99
N LEU A 261 -0.41 1.03 -6.84
CA LEU A 261 -0.73 -0.38 -7.02
C LEU A 261 -1.02 -1.01 -5.66
N MET A 262 -2.28 -1.39 -5.46
CA MET A 262 -2.75 -1.83 -4.14
C MET A 262 -2.32 -3.25 -3.80
N GLY A 263 -1.71 -3.42 -2.62
CA GLY A 263 -1.40 -4.74 -2.11
C GLY A 263 -0.15 -5.42 -2.65
N VAL A 264 0.72 -4.65 -3.31
CA VAL A 264 1.94 -5.19 -3.91
C VAL A 264 3.17 -4.56 -3.22
N GLY A 265 4.18 -5.34 -2.87
CA GLY A 265 4.27 -6.77 -3.06
C GLY A 265 5.68 -7.22 -2.71
N LYS A 266 6.17 -8.31 -3.32
CA LYS A 266 7.56 -8.74 -3.15
C LYS A 266 8.50 -7.72 -3.77
N PRO A 267 9.77 -7.68 -3.35
CA PRO A 267 10.71 -6.70 -3.92
C PRO A 267 10.76 -6.71 -5.45
N ASP A 268 10.76 -7.89 -6.07
CA ASP A 268 10.78 -7.94 -7.53
CA ASP A 268 10.79 -7.92 -7.54
C ASP A 268 9.48 -7.44 -8.17
N ASP A 269 8.36 -7.62 -7.46
CA ASP A 269 7.07 -7.11 -7.96
C ASP A 269 7.14 -5.59 -8.01
N ILE A 270 7.73 -4.99 -6.98
CA ILE A 270 7.83 -3.55 -6.86
C ILE A 270 8.71 -2.98 -7.97
N VAL A 271 9.87 -3.58 -8.17
CA VAL A 271 10.78 -3.11 -9.22
C VAL A 271 10.11 -3.16 -10.60
N GLY A 272 9.47 -4.28 -10.92
CA GLY A 272 8.79 -4.40 -12.19
C GLY A 272 7.61 -3.45 -12.33
N ALA A 273 6.88 -3.22 -11.24
CA ALA A 273 5.76 -2.30 -11.29
C ALA A 273 6.22 -0.85 -11.50
N VAL A 274 7.35 -0.47 -10.89
CA VAL A 274 7.91 0.86 -11.13
C VAL A 274 8.32 1.02 -12.60
N GLU A 275 8.91 -0.03 -13.17
CA GLU A 275 9.27 -0.04 -14.59
C GLU A 275 8.04 0.19 -15.47
N ARG A 276 6.86 -0.07 -14.91
CA ARG A 276 5.61 0.05 -15.65
C ARG A 276 4.79 1.29 -15.23
N GLY A 277 5.38 2.16 -14.42
CA GLY A 277 4.77 3.45 -14.14
C GLY A 277 4.06 3.63 -12.81
N ILE A 278 4.25 2.69 -11.89
CA ILE A 278 3.65 2.79 -10.57
C ILE A 278 4.49 3.66 -9.62
N ASP A 279 3.80 4.49 -8.84
CA ASP A 279 4.43 5.45 -7.91
C ASP A 279 4.27 5.10 -6.43
N MET A 280 3.31 4.24 -6.08
CA MET A 280 3.00 3.97 -4.68
C MET A 280 2.61 2.52 -4.49
N PHE A 281 2.96 1.97 -3.33
CA PHE A 281 2.78 0.56 -2.98
C PHE A 281 2.43 0.43 -1.51
N ASP A 282 1.65 -0.60 -1.17
CA ASP A 282 1.51 -1.05 0.22
C ASP A 282 1.48 -2.57 0.23
N CYS A 283 1.94 -3.19 1.30
CA CYS A 283 1.85 -4.63 1.42
C CYS A 283 2.17 -5.08 2.82
N VAL A 284 1.44 -6.07 3.31
CA VAL A 284 1.72 -6.63 4.63
C VAL A 284 2.90 -7.61 4.62
N LEU A 285 3.41 -7.94 3.43
CA LEU A 285 4.48 -8.94 3.34
C LEU A 285 5.70 -8.69 4.27
N PRO A 286 6.31 -7.49 4.24
CA PRO A 286 7.49 -7.32 5.10
C PRO A 286 7.21 -7.46 6.61
N THR A 287 6.06 -6.97 7.07
CA THR A 287 5.70 -7.09 8.47
C THR A 287 5.28 -8.52 8.83
N ARG A 288 4.26 -9.04 8.15
CA ARG A 288 3.76 -10.38 8.43
C ARG A 288 4.86 -11.45 8.28
N SER A 289 5.58 -11.42 7.17
CA SER A 289 6.55 -12.49 6.97
C SER A 289 7.75 -12.31 7.89
N GLY A 290 8.04 -11.07 8.28
CA GLY A 290 9.05 -10.81 9.30
C GLY A 290 8.75 -11.54 10.60
N ARG A 291 7.52 -11.42 11.07
CA ARG A 291 7.11 -12.09 12.30
C ARG A 291 7.20 -13.61 12.15
N ASN A 292 7.07 -14.10 10.92
CA ASN A 292 7.15 -15.53 10.64
CA ASN A 292 7.14 -15.53 10.65
C ASN A 292 8.57 -16.01 10.37
N GLY A 293 9.54 -15.10 10.48
CA GLY A 293 10.94 -15.48 10.33
C GLY A 293 11.58 -15.26 8.97
N GLN A 294 10.86 -14.68 8.03
CA GLN A 294 11.45 -14.40 6.73
C GLN A 294 12.09 -13.03 6.71
N ALA A 295 13.38 -12.97 6.39
CA ALA A 295 14.13 -11.72 6.29
C ALA A 295 14.51 -11.45 4.85
N PHE A 296 14.28 -10.22 4.38
CA PHE A 296 14.70 -9.85 3.04
C PHE A 296 16.16 -9.43 3.00
N THR A 297 16.88 -9.91 1.97
CA THR A 297 18.27 -9.53 1.76
C THR A 297 18.50 -9.26 0.28
N TRP A 298 19.61 -8.60 -0.05
CA TRP A 298 19.91 -8.30 -1.45
C TRP A 298 20.23 -9.57 -2.25
N ASP A 299 20.48 -10.66 -1.53
CA ASP A 299 20.70 -11.96 -2.16
C ASP A 299 19.47 -12.87 -2.04
N GLY A 300 18.30 -12.26 -1.82
CA GLY A 300 17.05 -12.99 -1.74
C GLY A 300 16.62 -13.20 -0.29
N PRO A 301 15.37 -13.65 -0.09
CA PRO A 301 14.87 -13.86 1.27
C PRO A 301 15.55 -15.05 1.95
N ILE A 302 15.65 -14.99 3.27
CA ILE A 302 16.11 -16.13 4.04
C ILE A 302 15.10 -16.43 5.13
N ASN A 303 15.05 -17.67 5.59
CA ASN A 303 14.25 -17.95 6.77
C ASN A 303 15.14 -18.17 7.99
N ILE A 304 15.09 -17.19 8.87
CA ILE A 304 15.99 -17.14 10.01
C ILE A 304 15.81 -18.32 10.98
N ARG A 305 14.68 -19.01 10.90
CA ARG A 305 14.44 -20.17 11.75
CA ARG A 305 14.41 -20.18 11.73
C ARG A 305 15.33 -21.33 11.37
N ASN A 306 15.86 -21.32 10.15
CA ASN A 306 16.65 -22.46 9.67
C ASN A 306 17.86 -22.69 10.57
N ALA A 307 18.15 -23.96 10.87
CA ALA A 307 19.25 -24.34 11.73
C ALA A 307 20.61 -23.80 11.27
N ARG A 308 20.75 -23.53 9.98
CA ARG A 308 22.02 -23.03 9.46
C ARG A 308 22.40 -21.65 10.04
N PHE A 309 21.44 -20.96 10.64
CA PHE A 309 21.70 -19.64 11.18
C PHE A 309 21.99 -19.62 12.67
N SER A 310 21.98 -20.80 13.31
CA SER A 310 22.07 -20.88 14.77
C SER A 310 23.37 -20.32 15.34
N GLU A 311 24.43 -20.32 14.53
CA GLU A 311 25.73 -19.83 14.99
C GLU A 311 26.33 -18.82 14.00
N ASP A 312 25.47 -18.21 13.21
CA ASP A 312 25.88 -17.26 12.17
C ASP A 312 25.97 -15.85 12.79
N LEU A 313 27.18 -15.33 12.91
CA LEU A 313 27.38 -14.02 13.53
C LEU A 313 27.13 -12.82 12.61
N LYS A 314 26.94 -13.06 11.32
CA LYS A 314 26.68 -11.97 10.38
C LYS A 314 25.32 -11.33 10.65
N PRO A 315 25.15 -10.05 10.28
CA PRO A 315 23.81 -9.45 10.34
C PRO A 315 22.87 -10.07 9.31
N LEU A 316 21.58 -9.80 9.44
CA LEU A 316 20.60 -10.33 8.50
C LEU A 316 21.01 -10.08 7.04
N ASP A 317 21.42 -8.86 6.74
CA ASP A 317 21.94 -8.54 5.43
C ASP A 317 23.26 -7.78 5.54
N SER A 318 24.20 -8.09 4.65
CA SER A 318 25.58 -7.60 4.75
C SER A 318 25.76 -6.10 4.46
N GLU A 319 24.80 -5.51 3.76
CA GLU A 319 24.89 -4.11 3.36
C GLU A 319 23.87 -3.21 4.05
N CYS A 320 22.80 -3.82 4.55
CA CYS A 320 21.69 -3.07 5.13
C CYS A 320 22.16 -2.10 6.21
N HIS A 321 21.65 -0.87 6.16
CA HIS A 321 22.05 0.15 7.12
C HIS A 321 21.17 0.27 8.36
N CYS A 322 20.22 -0.66 8.52
CA CYS A 322 19.27 -0.53 9.62
C CYS A 322 19.90 -0.79 10.99
N ALA A 323 19.21 -0.36 12.04
CA ALA A 323 19.73 -0.49 13.40
C ALA A 323 19.87 -1.95 13.82
N VAL A 324 19.01 -2.82 13.27
CA VAL A 324 19.09 -4.24 13.60
C VAL A 324 20.38 -4.86 13.05
N CYS A 325 20.71 -4.52 11.81
CA CYS A 325 21.91 -5.05 11.19
C CYS A 325 23.19 -4.42 11.74
N GLN A 326 23.05 -3.27 12.38
CA GLN A 326 24.21 -2.64 13.02
C GLN A 326 24.57 -3.34 14.32
N LYS A 327 23.59 -3.97 14.96
CA LYS A 327 23.78 -4.42 16.34
C LYS A 327 23.67 -5.94 16.61
N TRP A 328 22.73 -6.62 15.98
CA TRP A 328 22.46 -8.03 16.33
C TRP A 328 22.79 -9.01 15.21
N SER A 329 23.15 -10.22 15.61
CA SER A 329 23.48 -11.29 14.68
C SER A 329 22.27 -12.10 14.22
N ARG A 330 22.42 -12.75 13.08
CA ARG A 330 21.50 -13.82 12.68
C ARG A 330 21.28 -14.85 13.78
N ALA A 331 22.37 -15.24 14.45
CA ALA A 331 22.27 -16.24 15.50
C ALA A 331 21.33 -15.81 16.61
N TYR A 332 21.41 -14.56 17.03
CA TYR A 332 20.54 -14.07 18.10
C TYR A 332 19.08 -14.01 17.65
N ILE A 333 18.87 -13.49 16.45
CA ILE A 333 17.50 -13.35 15.94
C ILE A 333 16.87 -14.73 15.69
N HIS A 334 17.67 -15.68 15.20
CA HIS A 334 17.28 -17.08 15.09
C HIS A 334 16.76 -17.61 16.43
N HIS A 335 17.55 -17.40 17.48
CA HIS A 335 17.14 -17.83 18.82
C HIS A 335 15.82 -17.20 19.23
N LEU A 336 15.70 -15.88 19.02
CA LEU A 336 14.48 -15.18 19.42
C LEU A 336 13.24 -15.71 18.69
N ILE A 337 13.35 -15.88 17.38
CA ILE A 337 12.20 -16.35 16.61
C ILE A 337 11.83 -17.81 16.98
N ARG A 338 12.85 -18.66 17.16
CA ARG A 338 12.61 -20.02 17.60
C ARG A 338 11.92 -20.08 18.96
N ALA A 339 12.27 -19.15 19.84
CA ALA A 339 11.71 -19.11 21.20
C ALA A 339 10.35 -18.43 21.28
N GLY A 340 9.90 -17.83 20.18
CA GLY A 340 8.64 -17.09 20.17
C GLY A 340 8.72 -15.78 20.94
N GLU A 341 9.92 -15.21 21.03
CA GLU A 341 10.12 -13.97 21.77
C GLU A 341 9.64 -12.74 21.01
N ILE A 342 8.96 -11.84 21.71
CA ILE A 342 8.48 -10.62 21.09
C ILE A 342 9.61 -9.80 20.43
N LEU A 343 10.77 -9.73 21.07
CA LEU A 343 11.87 -8.99 20.46
C LEU A 343 12.25 -9.55 19.08
N GLY A 344 12.06 -10.85 18.87
CA GLY A 344 12.29 -11.40 17.54
C GLY A 344 11.38 -10.77 16.49
N ALA A 345 10.09 -10.68 16.78
CA ALA A 345 9.16 -10.02 15.88
C ALA A 345 9.55 -8.56 15.66
N MET A 346 9.95 -7.87 16.73
CA MET A 346 10.36 -6.47 16.63
C MET A 346 11.57 -6.29 15.70
N LEU A 347 12.61 -7.09 15.90
CA LEU A 347 13.83 -6.92 15.13
C LEU A 347 13.64 -7.32 13.65
N MET A 348 12.96 -8.44 13.42
CA MET A 348 12.70 -8.86 12.04
C MET A 348 11.89 -7.83 11.29
N THR A 349 10.88 -7.27 11.96
CA THR A 349 9.98 -6.32 11.31
C THR A 349 10.71 -5.02 10.96
N GLU A 350 11.51 -4.50 11.90
CA GLU A 350 12.25 -3.27 11.67
C GLU A 350 13.22 -3.46 10.49
N HIS A 351 13.92 -4.58 10.47
CA HIS A 351 14.82 -4.84 9.35
C HIS A 351 14.06 -4.93 8.02
N ASN A 352 12.95 -5.67 7.98
CA ASN A 352 12.25 -5.83 6.72
C ASN A 352 11.69 -4.53 6.18
N ILE A 353 11.09 -3.73 7.06
CA ILE A 353 10.59 -2.43 6.65
C ILE A 353 11.74 -1.52 6.21
N ALA A 354 12.86 -1.57 6.93
CA ALA A 354 14.01 -0.78 6.53
C ALA A 354 14.56 -1.22 5.17
N PHE A 355 14.61 -2.54 4.95
CA PHE A 355 15.03 -3.07 3.65
C PHE A 355 14.13 -2.54 2.54
N TYR A 356 12.81 -2.63 2.73
CA TYR A 356 11.89 -2.10 1.73
C TYR A 356 12.14 -0.61 1.46
N GLN A 357 12.39 0.18 2.50
CA GLN A 357 12.63 1.61 2.29
C GLN A 357 13.94 1.85 1.55
N GLN A 358 14.96 1.04 1.83
CA GLN A 358 16.23 1.13 1.12
C GLN A 358 16.06 0.76 -0.35
N LEU A 359 15.20 -0.22 -0.63
CA LEU A 359 14.85 -0.55 -2.00
C LEU A 359 14.22 0.67 -2.68
N MET A 360 13.26 1.31 -2.01
CA MET A 360 12.61 2.47 -2.63
C MET A 360 13.60 3.59 -2.86
N GLN A 361 14.53 3.79 -1.92
CA GLN A 361 15.52 4.84 -2.08
C GLN A 361 16.44 4.57 -3.28
N LYS A 362 16.84 3.31 -3.47
CA LYS A 362 17.69 2.95 -4.61
C LYS A 362 16.93 3.13 -5.92
N ILE A 363 15.65 2.82 -5.91
CA ILE A 363 14.81 3.04 -7.07
C ILE A 363 14.73 4.53 -7.41
N ARG A 364 14.41 5.36 -6.41
CA ARG A 364 14.32 6.81 -6.62
C ARG A 364 15.64 7.39 -7.12
N ASP A 365 16.74 6.99 -6.48
CA ASP A 365 18.05 7.51 -6.87
C ASP A 365 18.43 7.09 -8.28
N SER A 366 18.16 5.84 -8.64
CA SER A 366 18.55 5.37 -9.96
C SER A 366 17.71 6.02 -11.07
N ILE A 367 16.42 6.21 -10.84
CA ILE A 367 15.61 6.97 -11.80
C ILE A 367 16.12 8.41 -11.95
N SER A 368 16.42 9.06 -10.83
CA SER A 368 16.95 10.42 -10.85
C SER A 368 18.26 10.52 -11.66
N GLU A 369 19.03 9.43 -11.68
CA GLU A 369 20.31 9.40 -12.37
C GLU A 369 20.25 8.76 -13.75
N GLY A 370 19.05 8.33 -14.16
CA GLY A 370 18.88 7.73 -15.47
C GLY A 370 19.54 6.38 -15.62
N ARG A 371 19.65 5.64 -14.51
CA ARG A 371 20.26 4.31 -14.51
C ARG A 371 19.36 3.28 -13.82
N PHE A 372 18.05 3.50 -13.89
CA PHE A 372 17.10 2.57 -13.26
C PHE A 372 17.02 1.24 -14.00
N SER A 373 17.09 1.27 -15.32
CA SER A 373 17.02 0.02 -16.08
C SER A 373 18.18 -0.89 -15.68
N GLN A 374 19.36 -0.30 -15.53
CA GLN A 374 20.53 -1.05 -15.10
C GLN A 374 20.36 -1.53 -13.65
N PHE A 375 19.82 -0.67 -12.80
CA PHE A 375 19.57 -1.08 -11.42
C PHE A 375 18.63 -2.29 -11.38
N ALA A 376 17.56 -2.24 -12.17
CA ALA A 376 16.59 -3.33 -12.19
C ALA A 376 17.25 -4.65 -12.60
N GLN A 377 18.07 -4.60 -13.63
CA GLN A 377 18.80 -5.77 -14.09
C GLN A 377 19.77 -6.32 -13.04
N ASP A 378 20.54 -5.41 -12.43
CA ASP A 378 21.52 -5.82 -11.42
C ASP A 378 20.81 -6.36 -10.19
N PHE A 379 19.70 -5.71 -9.81
CA PHE A 379 18.94 -6.16 -8.66
C PHE A 379 18.46 -7.60 -8.85
N ARG A 380 17.88 -7.87 -10.03
CA ARG A 380 17.32 -9.20 -10.29
CA ARG A 380 17.33 -9.20 -10.29
C ARG A 380 18.39 -10.27 -10.36
N ALA A 381 19.52 -9.96 -10.99
CA ALA A 381 20.60 -10.94 -11.14
C ALA A 381 21.09 -11.41 -9.77
N ARG A 382 21.22 -10.47 -8.84
CA ARG A 382 21.71 -10.81 -7.52
C ARG A 382 20.63 -11.42 -6.61
N TYR A 383 19.43 -10.86 -6.65
CA TYR A 383 18.35 -11.32 -5.78
C TYR A 383 17.96 -12.76 -6.10
N PHE A 384 18.03 -13.12 -7.38
CA PHE A 384 17.64 -14.46 -7.82
C PHE A 384 18.80 -15.39 -8.14
N ALA A 385 20.02 -15.00 -7.78
CA ALA A 385 21.19 -15.84 -8.04
C ALA A 385 21.09 -17.21 -7.37
ZN ZN B . 18.82 -4.56 8.39
C1 GOL C . 6.71 9.24 14.41
O1 GOL C . 6.44 9.14 15.79
C2 GOL C . 6.27 10.60 13.93
O2 GOL C . 4.93 10.84 14.31
C3 GOL C . 6.42 10.66 12.42
O3 GOL C . 6.73 11.97 12.02
O 2YX D . -9.01 -3.66 -5.74
C17 2YX D . -8.73 -3.34 -4.58
N6 2YX D . -9.48 -2.42 -3.90
C 2YX D . -9.23 -2.02 -2.62
N 2YX D . -10.05 -1.13 -2.07
C16 2YX D . -7.63 -3.92 -3.82
C1 2YX D . -7.41 -3.49 -2.50
N1 2YX D . -8.22 -2.51 -1.90
C15 2YX D . -6.85 -4.94 -4.36
C14 2YX D . -5.89 -5.55 -3.58
C3 2YX D . -5.68 -5.16 -2.25
C2 2YX D . -6.43 -4.11 -1.72
N5 2YX D . -5.05 -6.64 -3.78
C4 2YX D . -4.42 -6.86 -2.61
N2 2YX D . -4.74 -6.01 -1.65
N3 2YX D . -3.59 -7.90 -2.51
C5 2YX D . -2.85 -8.25 -1.30
C6 2YX D . -2.28 -9.65 -1.39
C7 2YX D . -1.36 -10.03 -0.26
C13 2YX D . -1.85 -10.58 0.91
C12 2YX D . -1.00 -11.00 1.91
C10 2YX D . 0.38 -10.87 1.76
C11 2YX D . 1.28 -11.32 2.79
N4 2YX D . 1.96 -11.69 3.63
C9 2YX D . 0.87 -10.30 0.59
C8 2YX D . 0.01 -9.88 -0.40
#